data_1T6M
#
_entry.id   1T6M
#
_cell.length_a   91.221
_cell.length_b   147.725
_cell.length_c   96.562
_cell.angle_alpha   90.00
_cell.angle_beta   90.00
_cell.angle_gamma   90.00
#
_symmetry.space_group_name_H-M   'C 2 2 21'
#
loop_
_entity.id
_entity.type
_entity.pdbx_description
1 polymer '1-phosphatidylinositol phosphodiesterase'
2 non-polymer 'CALCIUM ION'
3 water water
#
_entity_poly.entity_id   1
_entity_poly.type   'polypeptide(L)'
_entity_poly.pdbx_seq_one_letter_code
;MASSVNELENWSKWMQPIPDNIPLARISIPGTHDSGTFKLQNPIKQVWGMTQEYDFRYQMDHGARIFDIDGRLTDDNTIV
LHHGPLYLYVTLHEFINEAKQFLKDNPSETIIMSLKKEYEDMKGAEGSFSSTFEKNYFVDPIFLKTEGNIKLGDARGKIV
LLKRYSGSNESGGYNNFYWPDNETFTTTVNQNVNVTVQDKYKVNYDEKVKSIKDTMDETMNNSEDLNHLYINFTSLSSGG
TAWNSPYYYASYINPEIANDIKQKNPTRVGWVIQDYINEKWSPLLYQEVIRANKSLIKE
;
_entity_poly.pdbx_strand_id   A,B
#
loop_
_chem_comp.id
_chem_comp.type
_chem_comp.name
_chem_comp.formula
CA non-polymer 'CALCIUM ION' 'Ca 2'
#
# COMPACT_ATOMS: atom_id res chain seq x y z
N ALA A 2 -27.76 0.81 3.35
CA ALA A 2 -28.75 1.67 2.64
C ALA A 2 -28.23 3.10 2.34
N SER A 3 -27.90 3.87 3.38
CA SER A 3 -27.69 5.34 3.24
C SER A 3 -26.40 6.02 3.83
N SER A 4 -25.36 5.25 4.17
CA SER A 4 -24.15 5.79 4.84
C SER A 4 -22.86 5.74 4.01
N VAL A 5 -21.79 6.40 4.48
CA VAL A 5 -20.55 6.44 3.71
C VAL A 5 -19.81 5.10 3.70
N ASN A 6 -20.14 4.24 4.68
CA ASN A 6 -19.55 2.90 4.75
C ASN A 6 -19.90 2.07 3.52
N GLU A 7 -21.01 2.40 2.89
CA GLU A 7 -21.47 1.68 1.72
C GLU A 7 -20.59 1.88 0.51
N LEU A 8 -19.73 2.89 0.56
CA LEU A 8 -18.70 3.06 -0.45
C LEU A 8 -17.64 1.98 -0.36
N GLU A 9 -17.64 1.16 0.70
CA GLU A 9 -16.59 0.13 0.85
C GLU A 9 -16.90 -1.20 0.14
N ASN A 10 -18.10 -1.37 -0.41
CA ASN A 10 -18.50 -2.69 -0.93
C ASN A 10 -17.62 -3.57 -1.85
N TRP A 11 -16.98 -3.29 -3.05
CA TRP A 11 -17.13 -2.24 -4.05
C TRP A 11 -17.89 -2.77 -5.29
N SER A 12 -18.65 -3.85 -5.13
CA SER A 12 -19.60 -4.28 -6.14
C SER A 12 -20.84 -3.35 -6.23
N LYS A 13 -21.01 -2.47 -5.24
CA LYS A 13 -22.25 -1.70 -5.05
C LYS A 13 -22.03 -0.25 -4.60
N TRP A 14 -20.83 0.28 -4.80
CA TRP A 14 -20.50 1.58 -4.20
C TRP A 14 -21.36 2.79 -4.67
N MET A 15 -21.97 2.70 -5.85
CA MET A 15 -22.87 3.76 -6.38
C MET A 15 -24.19 3.81 -5.67
N GLN A 16 -24.54 2.73 -4.99
CA GLN A 16 -25.81 2.65 -4.25
C GLN A 16 -26.16 3.83 -3.32
N PRO A 17 -25.23 4.25 -2.44
CA PRO A 17 -25.54 5.37 -1.52
C PRO A 17 -25.49 6.83 -2.11
N ILE A 18 -25.10 6.97 -3.36
CA ILE A 18 -24.95 8.30 -3.96
C ILE A 18 -26.32 8.75 -4.43
N PRO A 19 -26.73 9.99 -4.11
CA PRO A 19 -28.07 10.44 -4.55
C PRO A 19 -28.30 10.41 -6.07
N ASP A 20 -29.50 9.97 -6.47
CA ASP A 20 -29.85 9.73 -7.86
C ASP A 20 -29.80 10.95 -8.77
N ASN A 21 -30.02 12.12 -8.20
CA ASN A 21 -30.01 13.31 -9.02
C ASN A 21 -28.63 13.97 -9.23
N ILE A 22 -27.57 13.32 -8.74
CA ILE A 22 -26.20 13.73 -8.99
C ILE A 22 -25.83 13.33 -10.42
N PRO A 23 -25.35 14.30 -11.23
CA PRO A 23 -24.85 13.95 -12.56
C PRO A 23 -23.69 12.98 -12.44
N LEU A 24 -23.62 12.03 -13.34
CA LEU A 24 -22.45 11.14 -13.40
C LEU A 24 -21.12 11.89 -13.49
N ALA A 25 -21.13 13.02 -14.20
CA ALA A 25 -19.97 13.93 -14.30
C ALA A 25 -19.35 14.37 -12.95
N ARG A 26 -20.19 14.61 -11.96
CA ARG A 26 -19.75 15.01 -10.60
C ARG A 26 -19.11 13.85 -9.78
N ILE A 27 -19.56 12.64 -10.04
CA ILE A 27 -19.02 11.50 -9.28
C ILE A 27 -17.58 11.23 -9.65
N SER A 28 -16.74 10.89 -8.66
CA SER A 28 -15.40 10.33 -8.93
C SER A 28 -15.50 8.85 -9.23
N ILE A 29 -14.96 8.41 -10.37
CA ILE A 29 -15.24 7.06 -10.91
C ILE A 29 -13.96 6.44 -11.44
N PRO A 30 -13.58 5.24 -10.94
CA PRO A 30 -12.44 4.52 -11.53
C PRO A 30 -12.82 3.94 -12.86
N GLY A 31 -11.90 4.02 -13.84
CA GLY A 31 -12.12 3.40 -15.13
C GLY A 31 -10.92 2.55 -15.46
N THR A 32 -11.07 1.62 -16.39
CA THR A 32 -9.90 0.89 -16.86
C THR A 32 -9.55 1.26 -18.31
N HIS A 33 -8.27 1.54 -18.53
CA HIS A 33 -7.74 1.89 -19.84
C HIS A 33 -7.48 0.61 -20.69
N ASP A 34 -7.87 0.66 -21.96
CA ASP A 34 -7.79 -0.50 -22.86
C ASP A 34 -8.27 -1.78 -22.16
N SER A 35 -9.52 -1.75 -21.69
CA SER A 35 -10.06 -2.76 -20.80
C SER A 35 -9.93 -4.20 -21.28
N GLY A 36 -9.98 -4.42 -22.59
CA GLY A 36 -10.04 -5.78 -23.12
C GLY A 36 -8.75 -6.57 -23.24
N THR A 37 -7.60 -5.97 -22.86
CA THR A 37 -6.27 -6.55 -23.18
C THR A 37 -5.78 -7.71 -22.26
N PHE A 38 -6.64 -8.20 -21.37
CA PHE A 38 -6.23 -9.16 -20.33
C PHE A 38 -5.92 -10.59 -20.78
N LYS A 39 -6.25 -10.92 -22.03
CA LYS A 39 -6.06 -12.29 -22.52
C LYS A 39 -4.69 -12.50 -23.21
N LEU A 40 -3.97 -11.41 -23.46
CA LEU A 40 -2.67 -11.45 -24.13
C LEU A 40 -1.63 -12.30 -23.39
N GLN A 41 -1.01 -13.24 -24.12
CA GLN A 41 -0.09 -14.21 -23.51
C GLN A 41 1.34 -13.99 -23.95
N ASN A 42 1.53 -13.70 -25.23
CA ASN A 42 2.86 -13.53 -25.83
C ASN A 42 3.61 -12.35 -25.20
N PRO A 43 4.84 -12.59 -24.71
CA PRO A 43 5.63 -11.59 -23.98
C PRO A 43 5.96 -10.32 -24.78
N ILE A 44 6.27 -10.45 -26.07
CA ILE A 44 6.47 -9.29 -26.95
C ILE A 44 5.20 -8.46 -27.02
N LYS A 45 4.07 -9.15 -27.24
CA LYS A 45 2.75 -8.51 -27.32
C LYS A 45 2.31 -7.82 -26.03
N GLN A 46 2.59 -8.46 -24.89
CA GLN A 46 2.25 -7.91 -23.58
C GLN A 46 3.03 -6.61 -23.32
N VAL A 47 4.31 -6.66 -23.64
CA VAL A 47 5.21 -5.51 -23.46
C VAL A 47 4.72 -4.26 -24.20
N TRP A 48 4.28 -4.45 -25.45
CA TRP A 48 3.75 -3.37 -26.29
C TRP A 48 2.28 -3.02 -26.04
N GLY A 49 1.47 -4.01 -25.67
CA GLY A 49 0.02 -3.87 -25.77
C GLY A 49 -0.90 -4.30 -24.64
N MET A 50 -0.35 -4.92 -23.58
CA MET A 50 -1.22 -5.30 -22.46
C MET A 50 -1.33 -4.18 -21.41
N THR A 51 -2.57 -3.91 -20.97
CA THR A 51 -2.85 -2.84 -20.01
C THR A 51 -3.61 -3.29 -18.76
N GLN A 52 -4.07 -4.55 -18.78
CA GLN A 52 -4.89 -5.14 -17.72
C GLN A 52 -4.49 -6.61 -17.67
N GLU A 53 -4.73 -7.28 -16.55
CA GLU A 53 -4.31 -8.68 -16.38
C GLU A 53 -5.44 -9.56 -15.86
N TYR A 54 -6.55 -8.91 -15.45
CA TYR A 54 -7.76 -9.61 -15.06
C TYR A 54 -8.97 -9.24 -15.91
N ASP A 55 -9.94 -10.15 -15.97
CA ASP A 55 -11.10 -10.02 -16.85
C ASP A 55 -12.07 -8.91 -16.41
N PHE A 56 -13.13 -8.71 -17.20
CA PHE A 56 -14.06 -7.58 -17.01
C PHE A 56 -14.79 -7.64 -15.67
N ARG A 57 -15.24 -8.84 -15.28
CA ARG A 57 -16.00 -8.99 -14.03
C ARG A 57 -15.12 -8.71 -12.82
N TYR A 58 -13.86 -9.16 -12.87
CA TYR A 58 -12.91 -8.82 -11.81
C TYR A 58 -12.82 -7.29 -11.73
N GLN A 59 -12.71 -6.62 -12.87
CA GLN A 59 -12.58 -5.13 -12.91
C GLN A 59 -13.78 -4.45 -12.23
N MET A 60 -14.97 -4.89 -12.61
CA MET A 60 -16.22 -4.38 -12.02
C MET A 60 -16.33 -4.63 -10.53
N ASP A 61 -15.89 -5.83 -10.12
CA ASP A 61 -15.96 -6.22 -8.71
C ASP A 61 -14.89 -5.54 -7.87
N HIS A 62 -13.91 -4.93 -8.52
CA HIS A 62 -12.96 -4.08 -7.82
C HIS A 62 -13.28 -2.60 -7.99
N GLY A 63 -14.51 -2.31 -8.38
CA GLY A 63 -14.99 -0.90 -8.43
C GLY A 63 -14.92 -0.10 -9.73
N ALA A 64 -14.35 -0.67 -10.81
CA ALA A 64 -14.33 0.03 -12.11
C ALA A 64 -15.76 0.15 -12.68
N ARG A 65 -16.13 1.35 -13.13
CA ARG A 65 -17.44 1.59 -13.75
C ARG A 65 -17.31 2.19 -15.15
N ILE A 66 -16.08 2.52 -15.55
CA ILE A 66 -15.83 3.07 -16.91
C ILE A 66 -14.89 2.15 -17.61
N PHE A 67 -15.21 1.82 -18.87
CA PHE A 67 -14.51 0.81 -19.66
C PHE A 67 -14.16 1.34 -21.03
N ASP A 68 -12.89 1.22 -21.37
CA ASP A 68 -12.30 1.74 -22.59
C ASP A 68 -12.34 0.60 -23.61
N ILE A 69 -13.37 0.62 -24.47
CA ILE A 69 -13.54 -0.45 -25.48
C ILE A 69 -13.10 0.04 -26.88
N ASP A 70 -12.17 -0.69 -27.49
CA ASP A 70 -11.73 -0.38 -28.86
C ASP A 70 -12.00 -1.59 -29.75
N GLY A 71 -12.69 -1.37 -30.85
CA GLY A 71 -13.16 -2.49 -31.65
C GLY A 71 -12.78 -2.40 -33.11
N ARG A 72 -13.05 -3.48 -33.82
CA ARG A 72 -12.86 -3.58 -35.26
C ARG A 72 -14.03 -4.35 -35.89
N LEU A 73 -14.62 -3.80 -36.97
CA LEU A 73 -15.66 -4.47 -37.77
C LEU A 73 -15.07 -5.61 -38.58
N THR A 74 -15.64 -6.82 -38.44
CA THR A 74 -15.13 -8.03 -39.11
C THR A 74 -15.91 -8.45 -40.34
N ASP A 75 -15.40 -9.53 -40.96
CA ASP A 75 -16.03 -10.24 -42.09
C ASP A 75 -17.51 -10.56 -41.85
N ASP A 76 -17.82 -10.89 -40.60
CA ASP A 76 -19.13 -11.38 -40.22
C ASP A 76 -20.02 -10.27 -39.62
N ASN A 77 -19.67 -9.02 -39.89
CA ASN A 77 -20.42 -7.86 -39.39
C ASN A 77 -20.58 -7.92 -37.85
N THR A 78 -19.49 -8.30 -37.17
CA THR A 78 -19.39 -8.27 -35.73
C THR A 78 -18.22 -7.35 -35.34
N ILE A 79 -18.23 -6.89 -34.08
CA ILE A 79 -17.19 -6.03 -33.54
C ILE A 79 -16.41 -6.82 -32.51
N VAL A 80 -15.11 -6.92 -32.75
CA VAL A 80 -14.18 -7.65 -31.93
C VAL A 80 -13.20 -6.63 -31.43
N LEU A 81 -12.58 -6.92 -30.29
CA LEU A 81 -11.72 -5.94 -29.64
C LEU A 81 -10.28 -6.07 -30.10
N HIS A 82 -9.63 -4.91 -30.29
CA HIS A 82 -8.25 -4.79 -30.77
C HIS A 82 -7.46 -3.83 -29.91
N HIS A 83 -6.14 -4.01 -29.84
CA HIS A 83 -5.24 -2.92 -29.40
C HIS A 83 -4.34 -2.59 -30.59
N GLY A 84 -4.66 -1.52 -31.33
CA GLY A 84 -4.11 -1.36 -32.70
C GLY A 84 -4.29 -2.61 -33.58
N PRO A 85 -3.18 -3.11 -34.15
CA PRO A 85 -3.23 -4.29 -35.01
C PRO A 85 -3.42 -5.60 -34.22
N LEU A 86 -3.27 -5.56 -32.90
CA LEU A 86 -3.33 -6.79 -32.10
C LEU A 86 -4.79 -7.19 -31.88
N TYR A 87 -5.16 -8.35 -32.39
CA TYR A 87 -6.46 -8.94 -32.05
C TYR A 87 -6.37 -9.34 -30.60
N LEU A 88 -7.40 -9.02 -29.82
CA LEU A 88 -7.42 -9.35 -28.41
C LEU A 88 -8.24 -10.60 -28.42
N TYR A 89 -8.48 -11.29 -27.35
CA TYR A 89 -9.23 -12.51 -27.76
C TYR A 89 -10.69 -12.43 -27.29
N VAL A 90 -11.29 -11.27 -27.55
CA VAL A 90 -12.54 -10.83 -26.92
C VAL A 90 -13.40 -10.06 -27.93
N THR A 91 -14.74 -10.21 -27.82
CA THR A 91 -15.68 -9.48 -28.69
C THR A 91 -16.48 -8.45 -27.91
N LEU A 92 -17.10 -7.51 -28.62
CA LEU A 92 -18.02 -6.54 -28.03
C LEU A 92 -19.18 -7.22 -27.29
N HIS A 93 -19.80 -8.21 -27.94
CA HIS A 93 -20.87 -8.98 -27.33
C HIS A 93 -20.48 -9.57 -25.97
N GLU A 94 -19.26 -10.09 -25.85
CA GLU A 94 -18.75 -10.60 -24.56
C GLU A 94 -18.68 -9.49 -23.49
N PHE A 95 -18.18 -8.31 -23.84
CA PHE A 95 -18.14 -7.22 -22.86
C PHE A 95 -19.56 -6.87 -22.44
N ILE A 96 -20.44 -6.69 -23.42
CA ILE A 96 -21.80 -6.29 -23.12
C ILE A 96 -22.47 -7.33 -22.22
N ASN A 97 -22.30 -8.62 -22.51
CA ASN A 97 -22.88 -9.68 -21.67
C ASN A 97 -22.34 -9.75 -20.23
N GLU A 98 -21.04 -9.55 -20.06
CA GLU A 98 -20.43 -9.34 -18.72
C GLU A 98 -21.05 -8.16 -17.97
N ALA A 99 -21.19 -7.03 -18.68
CA ALA A 99 -21.82 -5.83 -18.12
C ALA A 99 -23.27 -6.08 -17.68
N LYS A 100 -24.07 -6.72 -18.54
CA LYS A 100 -25.45 -7.13 -18.20
C LYS A 100 -25.55 -7.96 -16.92
N GLN A 101 -24.67 -8.95 -16.81
CA GLN A 101 -24.70 -9.84 -15.65
C GLN A 101 -24.35 -9.09 -14.37
N PHE A 102 -23.33 -8.23 -14.44
CA PHE A 102 -22.96 -7.41 -13.31
C PHE A 102 -24.13 -6.50 -12.89
N LEU A 103 -24.77 -5.90 -13.88
CA LEU A 103 -25.89 -4.99 -13.61
C LEU A 103 -27.14 -5.71 -13.10
N LYS A 104 -27.36 -6.94 -13.57
CA LYS A 104 -28.39 -7.81 -12.96
C LYS A 104 -28.07 -8.11 -11.50
N ASP A 105 -26.83 -8.47 -11.20
CA ASP A 105 -26.43 -8.76 -9.83
C ASP A 105 -26.36 -7.54 -8.96
N ASN A 106 -26.06 -6.38 -9.57
CA ASN A 106 -25.91 -5.13 -8.80
C ASN A 106 -26.68 -3.97 -9.44
N PRO A 107 -28.04 -3.95 -9.29
CA PRO A 107 -28.87 -3.05 -10.08
C PRO A 107 -28.79 -1.59 -9.63
N SER A 108 -28.07 -1.31 -8.56
CA SER A 108 -27.82 0.08 -8.14
C SER A 108 -26.71 0.75 -8.96
N GLU A 109 -25.93 -0.06 -9.67
CA GLU A 109 -24.76 0.46 -10.41
C GLU A 109 -25.09 0.87 -11.85
N THR A 110 -24.15 1.57 -12.49
CA THR A 110 -24.20 1.82 -13.93
C THR A 110 -22.84 1.48 -14.53
N ILE A 111 -22.82 1.14 -15.82
CA ILE A 111 -21.55 0.88 -16.51
C ILE A 111 -21.41 1.90 -17.62
N ILE A 112 -20.29 2.61 -17.65
CA ILE A 112 -20.03 3.59 -18.71
C ILE A 112 -19.04 2.96 -19.68
N MET A 113 -19.37 2.92 -20.97
CA MET A 113 -18.53 2.25 -21.98
C MET A 113 -18.11 3.26 -23.07
N SER A 114 -16.82 3.53 -23.23
CA SER A 114 -16.38 4.26 -24.45
C SER A 114 -16.25 3.29 -25.62
N LEU A 115 -16.74 3.68 -26.79
CA LEU A 115 -16.47 2.89 -27.98
C LEU A 115 -15.70 3.67 -29.08
N LYS A 116 -14.59 3.10 -29.52
CA LYS A 116 -13.74 3.69 -30.54
C LYS A 116 -13.46 2.68 -31.65
N LYS A 117 -13.35 3.16 -32.89
CA LYS A 117 -12.85 2.36 -34.02
C LYS A 117 -11.33 2.34 -33.99
N GLU A 118 -10.77 1.14 -33.79
CA GLU A 118 -9.34 0.94 -33.52
C GLU A 118 -8.50 0.57 -34.76
N TYR A 119 -9.13 -0.11 -35.72
CA TYR A 119 -8.45 -0.64 -36.90
C TYR A 119 -9.43 -0.72 -38.05
N GLU A 120 -8.95 -0.61 -39.28
CA GLU A 120 -9.85 -0.58 -40.44
C GLU A 120 -10.67 -1.86 -40.53
N ASP A 121 -11.89 -1.72 -41.04
CA ASP A 121 -12.80 -2.85 -41.28
C ASP A 121 -12.11 -3.97 -42.06
N MET A 122 -12.45 -5.21 -41.76
CA MET A 122 -12.10 -6.34 -42.62
C MET A 122 -12.81 -6.11 -43.95
N LYS A 123 -12.05 -6.22 -45.04
CA LYS A 123 -12.57 -5.81 -46.34
C LYS A 123 -13.86 -6.52 -46.78
N GLY A 124 -14.11 -7.71 -46.23
CA GLY A 124 -15.32 -8.46 -46.57
C GLY A 124 -16.65 -7.97 -45.97
N ALA A 125 -16.61 -6.85 -45.23
CA ALA A 125 -17.70 -6.47 -44.33
C ALA A 125 -18.80 -5.62 -44.95
N GLU A 126 -20.03 -5.79 -44.45
CA GLU A 126 -21.20 -5.19 -45.08
C GLU A 126 -21.27 -3.65 -45.05
N GLY A 127 -21.57 -3.06 -43.89
CA GLY A 127 -21.77 -1.59 -43.84
C GLY A 127 -20.58 -0.85 -43.25
N SER A 128 -20.86 0.08 -42.35
CA SER A 128 -19.82 0.74 -41.56
C SER A 128 -19.81 0.27 -40.09
N PHE A 129 -18.72 0.55 -39.39
CA PHE A 129 -18.56 0.26 -37.96
C PHE A 129 -19.71 0.87 -37.14
N SER A 130 -19.94 2.17 -37.34
CA SER A 130 -21.01 2.90 -36.66
C SER A 130 -22.41 2.34 -36.92
N SER A 131 -22.75 2.08 -38.19
CA SER A 131 -24.06 1.50 -38.53
C SER A 131 -24.21 0.07 -37.97
N THR A 132 -23.16 -0.75 -38.03
CA THR A 132 -23.21 -2.09 -37.43
C THR A 132 -23.37 -2.02 -35.89
N PHE A 133 -22.61 -1.15 -35.24
CA PHE A 133 -22.76 -0.98 -33.77
C PHE A 133 -24.20 -0.59 -33.40
N GLU A 134 -24.70 0.48 -34.02
CA GLU A 134 -25.97 1.09 -33.62
C GLU A 134 -27.18 0.20 -33.93
N LYS A 135 -27.13 -0.48 -35.08
CA LYS A 135 -28.19 -1.40 -35.47
C LYS A 135 -28.16 -2.79 -34.81
N ASN A 136 -26.97 -3.33 -34.58
CA ASN A 136 -26.90 -4.68 -34.02
C ASN A 136 -26.66 -4.80 -32.52
N TYR A 137 -26.15 -3.73 -31.91
CA TYR A 137 -25.79 -3.74 -30.49
C TYR A 137 -26.55 -2.67 -29.71
N PHE A 138 -26.46 -1.41 -30.13
CA PHE A 138 -26.94 -0.24 -29.36
C PHE A 138 -28.46 -0.26 -29.16
N VAL A 139 -29.15 -0.91 -30.09
CA VAL A 139 -30.61 -1.00 -30.04
C VAL A 139 -31.14 -1.76 -28.79
N ASP A 140 -30.33 -2.63 -28.19
CA ASP A 140 -30.69 -3.28 -26.91
C ASP A 140 -31.09 -2.23 -25.85
N PRO A 141 -32.23 -2.43 -25.15
CA PRO A 141 -32.62 -1.45 -24.11
C PRO A 141 -31.75 -1.39 -22.85
N ILE A 142 -30.72 -2.23 -22.76
CA ILE A 142 -29.66 -1.99 -21.75
C ILE A 142 -28.90 -0.69 -21.97
N PHE A 143 -28.83 -0.21 -23.22
CA PHE A 143 -28.19 1.07 -23.54
C PHE A 143 -29.13 2.26 -23.31
N LEU A 144 -28.70 3.19 -22.43
CA LEU A 144 -29.45 4.43 -22.18
C LEU A 144 -29.46 5.34 -23.43
N LYS A 145 -30.65 5.80 -23.83
CA LYS A 145 -30.81 6.48 -25.12
C LYS A 145 -31.01 7.97 -24.97
N THR A 146 -30.85 8.42 -23.73
CA THR A 146 -31.11 9.78 -23.39
C THR A 146 -29.75 10.50 -23.23
N GLU A 147 -29.76 11.83 -23.22
CA GLU A 147 -28.54 12.59 -23.20
C GLU A 147 -28.52 13.68 -22.13
N GLY A 148 -27.92 14.82 -22.50
CA GLY A 148 -27.72 15.95 -21.59
C GLY A 148 -26.67 15.66 -20.54
N ASN A 149 -26.84 16.24 -19.35
CA ASN A 149 -25.90 16.00 -18.27
C ASN A 149 -26.38 14.76 -17.51
N ILE A 150 -26.08 13.57 -18.04
CA ILE A 150 -26.68 12.31 -17.52
C ILE A 150 -26.58 12.13 -16.01
N LYS A 151 -27.73 11.85 -15.40
CA LYS A 151 -27.85 11.62 -13.95
C LYS A 151 -27.68 10.15 -13.63
N LEU A 152 -27.05 9.88 -12.48
CA LEU A 152 -26.97 8.54 -11.90
C LEU A 152 -28.33 7.82 -11.86
N GLY A 153 -29.40 8.49 -11.44
CA GLY A 153 -30.73 7.90 -11.40
C GLY A 153 -31.25 7.33 -12.73
N ASP A 154 -30.96 8.00 -13.85
CA ASP A 154 -31.30 7.45 -15.18
C ASP A 154 -30.35 6.34 -15.65
N ALA A 155 -29.14 6.36 -15.12
CA ALA A 155 -28.09 5.44 -15.53
C ALA A 155 -28.17 4.06 -14.84
N ARG A 156 -28.75 4.01 -13.62
CA ARG A 156 -28.78 2.74 -12.85
C ARG A 156 -29.36 1.55 -13.64
N GLY A 157 -28.66 0.43 -13.60
CA GLY A 157 -29.11 -0.79 -14.28
C GLY A 157 -28.87 -0.69 -15.77
N LYS A 158 -28.16 0.33 -16.23
CA LYS A 158 -27.88 0.48 -17.69
C LYS A 158 -26.42 0.75 -18.08
N ILE A 159 -26.16 0.70 -19.39
CA ILE A 159 -24.86 1.04 -19.98
C ILE A 159 -24.96 2.45 -20.56
N VAL A 160 -24.03 3.28 -20.18
CA VAL A 160 -24.00 4.65 -20.67
C VAL A 160 -22.84 4.75 -21.65
N LEU A 161 -23.15 5.03 -22.93
CA LEU A 161 -22.12 5.07 -23.96
C LEU A 161 -21.40 6.43 -24.00
N LEU A 162 -20.08 6.37 -24.13
CA LEU A 162 -19.25 7.50 -24.43
C LEU A 162 -18.76 7.26 -25.87
N LYS A 163 -19.42 7.92 -26.82
CA LYS A 163 -19.20 7.65 -28.24
C LYS A 163 -17.87 8.25 -28.65
N ARG A 164 -16.99 7.40 -29.18
CA ARG A 164 -15.70 7.86 -29.71
C ARG A 164 -15.60 7.40 -31.14
N TYR A 165 -16.75 7.31 -31.81
CA TYR A 165 -16.75 7.04 -33.25
C TYR A 165 -17.57 8.14 -33.94
N SER A 166 -17.24 8.41 -35.20
CA SER A 166 -18.00 9.35 -36.05
C SER A 166 -19.20 8.66 -36.73
N GLY A 167 -20.17 9.45 -37.17
CA GLY A 167 -21.25 8.97 -38.00
C GLY A 167 -22.49 8.48 -37.25
N SER A 168 -22.53 8.71 -35.92
CA SER A 168 -23.64 8.30 -35.06
C SER A 168 -24.97 8.82 -35.58
N ASN A 169 -25.97 7.93 -35.58
CA ASN A 169 -27.31 8.23 -36.08
C ASN A 169 -28.41 7.96 -35.05
N GLU A 170 -28.01 7.59 -33.84
CA GLU A 170 -28.93 7.21 -32.81
C GLU A 170 -28.56 7.98 -31.54
N SER A 171 -29.56 8.62 -30.93
CA SER A 171 -29.39 9.35 -29.69
C SER A 171 -29.01 8.45 -28.52
N GLY A 172 -28.24 8.99 -27.58
CA GLY A 172 -27.94 8.30 -26.31
C GLY A 172 -26.54 8.48 -25.81
N GLY A 173 -26.41 8.72 -24.51
CA GLY A 173 -25.09 8.83 -23.89
C GLY A 173 -24.40 10.16 -24.21
N TYR A 174 -23.07 10.16 -24.24
CA TYR A 174 -22.31 11.38 -24.47
C TYR A 174 -21.82 11.38 -25.93
N ASN A 175 -22.12 12.46 -26.65
CA ASN A 175 -21.76 12.65 -28.05
C ASN A 175 -20.28 12.49 -28.29
N ASN A 176 -19.90 12.17 -29.53
CA ASN A 176 -18.50 12.21 -29.92
C ASN A 176 -18.11 13.68 -29.87
N PHE A 177 -16.92 13.95 -29.35
CA PHE A 177 -16.36 15.28 -29.35
C PHE A 177 -14.90 15.20 -29.83
N TYR A 178 -14.36 16.32 -30.32
CA TYR A 178 -13.15 16.26 -31.18
C TYR A 178 -11.94 15.42 -30.66
N TRP A 179 -11.33 15.85 -29.56
CA TRP A 179 -10.24 15.09 -28.86
C TRP A 179 -8.83 15.14 -29.46
N PRO A 180 -8.12 16.29 -29.29
CA PRO A 180 -6.74 16.41 -29.75
C PRO A 180 -5.78 15.38 -29.12
N ASP A 181 -4.84 14.90 -29.92
CA ASP A 181 -3.92 13.82 -29.53
C ASP A 181 -2.82 14.19 -28.51
N ASN A 182 -2.69 13.40 -27.43
CA ASN A 182 -1.52 13.55 -26.53
C ASN A 182 -1.49 14.94 -25.78
N GLU A 183 -2.65 15.50 -25.39
CA GLU A 183 -2.68 16.86 -24.91
C GLU A 183 -3.65 16.81 -23.73
N THR A 184 -3.62 17.77 -22.86
CA THR A 184 -4.81 18.05 -22.00
C THR A 184 -5.57 19.25 -22.56
N PHE A 185 -6.91 19.15 -22.60
CA PHE A 185 -7.75 20.12 -23.36
C PHE A 185 -9.14 20.20 -22.76
N THR A 186 -9.90 21.23 -23.13
CA THR A 186 -11.25 21.45 -22.66
C THR A 186 -12.17 21.76 -23.85
N THR A 187 -13.34 21.10 -23.85
CA THR A 187 -14.39 21.32 -24.82
C THR A 187 -15.80 21.17 -24.23
N THR A 188 -16.75 21.09 -25.15
CA THR A 188 -18.14 20.85 -24.87
C THR A 188 -18.52 19.46 -25.38
N VAL A 189 -19.48 18.82 -24.72
CA VAL A 189 -19.96 17.49 -25.13
C VAL A 189 -21.33 17.61 -25.80
N ASN A 190 -22.27 18.22 -25.09
CA ASN A 190 -23.57 18.59 -25.64
C ASN A 190 -23.96 19.95 -25.05
N GLN A 191 -25.21 20.36 -25.20
CA GLN A 191 -25.62 21.66 -24.64
C GLN A 191 -25.53 21.79 -23.09
N ASN A 192 -25.54 20.67 -22.38
CA ASN A 192 -25.61 20.66 -20.91
C ASN A 192 -24.29 20.21 -20.18
N VAL A 193 -23.21 19.96 -20.94
CA VAL A 193 -21.98 19.47 -20.30
C VAL A 193 -20.66 19.83 -21.01
N ASN A 194 -19.69 20.29 -20.21
CA ASN A 194 -18.30 20.48 -20.63
C ASN A 194 -17.38 19.32 -20.15
N VAL A 195 -16.22 19.18 -20.82
CA VAL A 195 -15.19 18.16 -20.49
C VAL A 195 -13.80 18.75 -20.44
N THR A 196 -13.04 18.40 -19.40
CA THR A 196 -11.57 18.50 -19.44
C THR A 196 -11.05 17.09 -19.45
N VAL A 197 -10.19 16.81 -20.43
CA VAL A 197 -9.48 15.52 -20.55
C VAL A 197 -7.97 15.70 -20.42
N GLN A 198 -7.32 14.89 -19.58
CA GLN A 198 -5.85 14.76 -19.57
C GLN A 198 -5.50 13.39 -20.13
N ASP A 199 -4.93 13.37 -21.34
CA ASP A 199 -4.57 12.12 -22.04
C ASP A 199 -3.21 12.25 -22.72
N LYS A 200 -2.19 12.62 -21.93
CA LYS A 200 -0.82 12.65 -22.43
C LYS A 200 -0.20 11.25 -22.29
N TYR A 201 -0.39 10.48 -23.34
CA TYR A 201 0.28 9.22 -23.53
C TYR A 201 1.46 9.68 -24.42
N LYS A 202 2.67 9.23 -24.15
CA LYS A 202 3.85 9.69 -24.91
C LYS A 202 4.34 11.05 -24.43
N VAL A 203 4.80 11.05 -23.20
CA VAL A 203 5.40 12.18 -22.53
C VAL A 203 6.31 11.56 -21.45
N ASN A 204 7.31 12.28 -20.96
CA ASN A 204 8.19 11.68 -19.95
C ASN A 204 7.50 11.51 -18.60
N TYR A 205 8.00 10.56 -17.83
CA TYR A 205 7.42 10.18 -16.54
C TYR A 205 7.08 11.38 -15.63
N ASP A 206 8.04 12.30 -15.46
CA ASP A 206 7.84 13.49 -14.62
C ASP A 206 6.69 14.39 -15.10
N GLU A 207 6.64 14.67 -16.40
CA GLU A 207 5.57 15.46 -16.98
C GLU A 207 4.21 14.76 -16.87
N LYS A 208 4.20 13.43 -17.00
CA LYS A 208 2.98 12.62 -16.80
C LYS A 208 2.45 12.72 -15.38
N VAL A 209 3.29 12.42 -14.40
CA VAL A 209 2.88 12.53 -13.01
C VAL A 209 2.38 13.94 -12.66
N LYS A 210 3.06 14.97 -13.14
CA LYS A 210 2.62 16.33 -12.91
C LYS A 210 1.30 16.70 -13.64
N SER A 211 1.14 16.27 -14.91
CA SER A 211 -0.12 16.43 -15.63
C SER A 211 -1.29 15.80 -14.87
N ILE A 212 -1.11 14.55 -14.41
CA ILE A 212 -2.16 13.88 -13.58
C ILE A 212 -2.60 14.72 -12.37
N LYS A 213 -1.62 15.15 -11.58
CA LYS A 213 -1.83 15.97 -10.39
C LYS A 213 -2.44 17.35 -10.68
N ASP A 214 -1.97 17.99 -11.74
CA ASP A 214 -2.45 19.31 -12.11
C ASP A 214 -3.95 19.26 -12.42
N THR A 215 -4.33 18.34 -13.31
CA THR A 215 -5.75 18.10 -13.61
C THR A 215 -6.55 17.71 -12.36
N MET A 216 -5.99 16.83 -11.53
CA MET A 216 -6.67 16.45 -10.31
C MET A 216 -6.81 17.61 -9.31
N ASP A 217 -5.76 18.42 -9.21
CA ASP A 217 -5.79 19.62 -8.36
C ASP A 217 -6.92 20.54 -8.79
N GLU A 218 -7.04 20.76 -10.10
CA GLU A 218 -8.15 21.53 -10.68
C GLU A 218 -9.54 20.95 -10.38
N THR A 219 -9.68 19.64 -10.52
CA THR A 219 -10.98 19.01 -10.28
C THR A 219 -11.36 19.05 -8.79
N MET A 220 -10.39 18.84 -7.91
CA MET A 220 -10.67 18.95 -6.48
C MET A 220 -10.98 20.39 -6.04
N ASN A 221 -10.52 21.37 -6.82
CA ASN A 221 -10.79 22.78 -6.55
C ASN A 221 -12.13 23.25 -7.11
N ASN A 222 -12.68 22.49 -8.08
CA ASN A 222 -13.90 22.80 -8.79
C ASN A 222 -15.01 21.81 -8.45
N SER A 223 -15.12 21.48 -7.16
CA SER A 223 -15.97 20.39 -6.69
C SER A 223 -17.47 20.61 -6.89
N GLU A 224 -17.88 21.87 -6.99
CA GLU A 224 -19.28 22.23 -7.07
C GLU A 224 -19.69 22.49 -8.53
N ASP A 225 -18.73 22.29 -9.43
CA ASP A 225 -18.98 22.44 -10.84
C ASP A 225 -19.64 21.19 -11.45
N LEU A 226 -20.97 21.10 -11.32
CA LEU A 226 -21.74 19.92 -11.67
C LEU A 226 -21.87 19.70 -13.16
N ASN A 227 -21.65 20.81 -13.92
CA ASN A 227 -21.66 20.99 -15.38
C ASN A 227 -20.42 20.40 -16.10
N HIS A 228 -19.42 19.78 -15.43
CA HIS A 228 -18.05 19.68 -15.97
C HIS A 228 -17.47 18.32 -15.65
N LEU A 229 -17.15 17.57 -16.70
CA LEU A 229 -16.55 16.23 -16.67
C LEU A 229 -15.05 16.34 -16.67
N TYR A 230 -14.40 15.56 -15.81
CA TYR A 230 -12.95 15.54 -15.73
C TYR A 230 -12.50 14.10 -15.96
N ILE A 231 -11.84 13.87 -17.10
CA ILE A 231 -11.31 12.56 -17.42
C ILE A 231 -9.78 12.59 -17.36
N ASN A 232 -9.22 11.80 -16.44
CA ASN A 232 -7.78 11.87 -16.13
C ASN A 232 -7.18 10.48 -16.34
N PHE A 233 -6.41 10.30 -17.41
CA PHE A 233 -5.77 8.97 -17.70
C PHE A 233 -4.42 8.89 -17.01
N THR A 234 -4.26 7.92 -16.09
CA THR A 234 -2.98 7.68 -15.45
C THR A 234 -2.05 6.79 -16.32
N SER A 235 -2.62 6.22 -17.38
CA SER A 235 -1.91 5.32 -18.26
C SER A 235 -0.82 6.04 -19.06
N LEU A 236 0.28 5.33 -19.32
CA LEU A 236 1.35 5.78 -20.26
C LEU A 236 1.66 4.67 -21.26
N SER A 237 1.88 5.06 -22.53
CA SER A 237 2.16 4.10 -23.61
C SER A 237 3.57 3.51 -23.52
N SER A 238 3.75 2.39 -24.23
CA SER A 238 4.94 1.54 -24.10
C SER A 238 6.17 1.98 -24.89
N GLY A 239 7.33 1.79 -24.27
CA GLY A 239 8.61 2.09 -24.93
C GLY A 239 9.35 0.92 -25.58
N GLY A 240 8.77 -0.28 -25.59
CA GLY A 240 9.49 -1.42 -26.17
C GLY A 240 9.94 -2.42 -25.12
N THR A 241 10.16 -1.89 -23.91
CA THR A 241 10.06 -2.59 -22.60
C THR A 241 10.67 -3.99 -22.50
N ALA A 242 10.69 -4.62 -21.32
CA ALA A 242 10.26 -4.08 -20.01
C ALA A 242 11.12 -2.90 -19.51
N TRP A 243 10.90 -2.46 -18.27
CA TRP A 243 11.54 -1.22 -17.75
C TRP A 243 10.92 0.07 -18.28
N ASN A 244 10.12 -0.01 -19.35
CA ASN A 244 9.21 1.09 -19.75
C ASN A 244 7.87 0.60 -20.37
N SER A 245 7.37 -0.48 -19.78
CA SER A 245 6.09 -1.13 -20.05
C SER A 245 4.93 -0.30 -19.49
N PRO A 246 3.71 -0.44 -20.05
CA PRO A 246 2.54 0.02 -19.28
C PRO A 246 2.53 -0.57 -17.84
N TYR A 247 2.85 -1.85 -17.71
CA TYR A 247 2.93 -2.49 -16.39
C TYR A 247 3.95 -1.81 -15.49
N TYR A 248 5.18 -1.62 -16.01
CA TYR A 248 6.24 -0.90 -15.30
C TYR A 248 5.82 0.49 -14.81
N TYR A 249 5.34 1.34 -15.73
CA TYR A 249 4.86 2.67 -15.34
C TYR A 249 3.74 2.64 -14.33
N ALA A 250 2.81 1.71 -14.52
CA ALA A 250 1.66 1.58 -13.63
C ALA A 250 2.07 1.22 -12.18
N SER A 251 3.08 0.34 -12.06
CA SER A 251 3.55 -0.12 -10.76
C SER A 251 3.98 1.05 -9.88
N TYR A 252 4.42 2.13 -10.52
CA TYR A 252 4.86 3.33 -9.80
C TYR A 252 3.77 4.40 -9.72
N ILE A 253 3.10 4.66 -10.85
CA ILE A 253 2.07 5.71 -10.93
C ILE A 253 0.84 5.43 -10.07
N ASN A 254 0.30 4.21 -10.15
CA ASN A 254 -0.90 3.84 -9.40
C ASN A 254 -0.79 4.15 -7.90
N PRO A 255 0.18 3.52 -7.20
CA PRO A 255 0.34 3.83 -5.75
C PRO A 255 0.69 5.27 -5.42
N GLU A 256 1.35 5.99 -6.34
CA GLU A 256 1.83 7.35 -6.07
C GLU A 256 0.66 8.32 -6.05
N ILE A 257 -0.22 8.18 -7.04
CA ILE A 257 -1.46 8.94 -7.14
C ILE A 257 -2.47 8.53 -6.05
N ALA A 258 -2.58 7.22 -5.82
CA ALA A 258 -3.40 6.68 -4.72
C ALA A 258 -3.03 7.34 -3.37
N ASN A 259 -1.73 7.41 -3.10
CA ASN A 259 -1.23 8.03 -1.84
C ASN A 259 -1.44 9.56 -1.79
N ASP A 260 -1.20 10.23 -2.91
CA ASP A 260 -1.50 11.66 -3.09
C ASP A 260 -2.96 11.98 -2.73
N ILE A 261 -3.91 11.15 -3.19
CA ILE A 261 -5.32 11.30 -2.84
C ILE A 261 -5.54 11.00 -1.35
N LYS A 262 -4.98 9.89 -0.86
CA LYS A 262 -5.09 9.54 0.55
C LYS A 262 -4.70 10.74 1.43
N GLN A 263 -3.54 11.34 1.10
CA GLN A 263 -2.99 12.44 1.89
C GLN A 263 -3.81 13.73 1.78
N LYS A 264 -4.30 14.03 0.58
CA LYS A 264 -5.11 15.25 0.33
C LYS A 264 -6.59 15.19 0.78
N ASN A 265 -7.15 13.99 0.95
CA ASN A 265 -8.58 13.86 1.33
C ASN A 265 -9.58 14.74 0.53
N PRO A 266 -9.49 14.71 -0.81
CA PRO A 266 -10.29 15.63 -1.64
C PRO A 266 -11.72 15.18 -1.69
N THR A 267 -12.62 16.10 -2.04
CA THR A 267 -14.05 15.79 -2.20
C THR A 267 -14.44 15.40 -3.63
N ARG A 268 -13.48 15.51 -4.56
CA ARG A 268 -13.73 15.16 -5.97
C ARG A 268 -12.40 14.98 -6.66
N VAL A 269 -12.23 13.90 -7.42
CA VAL A 269 -10.97 13.64 -8.14
C VAL A 269 -11.17 13.29 -9.63
N GLY A 270 -12.43 13.16 -10.06
CA GLY A 270 -12.77 12.94 -11.47
C GLY A 270 -13.02 11.49 -11.90
N TRP A 271 -13.02 11.28 -13.21
CA TRP A 271 -13.07 9.94 -13.79
C TRP A 271 -11.63 9.54 -14.08
N VAL A 272 -11.07 8.66 -13.22
CA VAL A 272 -9.65 8.32 -13.22
C VAL A 272 -9.40 6.96 -13.91
N ILE A 273 -8.79 6.99 -15.10
CA ILE A 273 -8.74 5.82 -15.96
C ILE A 273 -7.32 5.27 -15.92
N GLN A 274 -7.19 4.05 -15.35
CA GLN A 274 -5.89 3.51 -15.01
C GLN A 274 -5.59 2.20 -15.73
N ASP A 275 -4.28 1.92 -15.89
CA ASP A 275 -3.83 0.58 -16.29
C ASP A 275 -3.79 -0.34 -15.06
N TYR A 276 -3.86 -1.63 -15.33
CA TYR A 276 -3.68 -2.68 -14.33
C TYR A 276 -4.43 -2.51 -13.01
N ILE A 277 -5.76 -2.58 -13.07
CA ILE A 277 -6.56 -2.69 -11.88
C ILE A 277 -6.20 -4.08 -11.30
N ASN A 278 -5.74 -4.08 -10.05
CA ASN A 278 -5.19 -5.27 -9.39
C ASN A 278 -4.99 -5.00 -7.90
N GLU A 279 -4.46 -5.99 -7.19
CA GLU A 279 -4.29 -5.86 -5.76
C GLU A 279 -2.77 -5.91 -5.54
N LYS A 280 -1.92 -5.81 -6.60
CA LYS A 280 -0.43 -5.96 -6.56
C LYS A 280 0.31 -4.78 -5.88
N TRP A 281 -0.15 -3.56 -6.12
CA TRP A 281 0.46 -2.36 -5.52
C TRP A 281 -0.45 -1.72 -4.47
N SER A 282 0.16 -0.94 -3.58
CA SER A 282 -0.04 -1.14 -2.15
C SER A 282 -1.04 -0.23 -1.43
N PRO A 283 -1.06 1.11 -1.74
CA PRO A 283 -2.32 1.85 -1.66
C PRO A 283 -3.05 1.79 -3.04
N LEU A 284 -4.36 1.61 -3.00
CA LEU A 284 -5.13 1.18 -4.18
C LEU A 284 -5.80 2.39 -4.82
N LEU A 285 -5.36 2.75 -6.04
CA LEU A 285 -5.86 3.93 -6.75
C LEU A 285 -7.40 3.97 -6.85
N TYR A 286 -7.99 2.90 -7.38
CA TYR A 286 -9.44 2.83 -7.54
C TYR A 286 -10.21 3.01 -6.23
N GLN A 287 -9.69 2.44 -5.15
CA GLN A 287 -10.32 2.54 -3.83
C GLN A 287 -10.38 4.00 -3.33
N GLU A 288 -9.26 4.70 -3.49
CA GLU A 288 -9.08 6.10 -3.09
C GLU A 288 -9.93 7.05 -3.92
N VAL A 289 -10.06 6.76 -5.22
CA VAL A 289 -11.07 7.49 -6.02
C VAL A 289 -12.56 7.30 -5.60
N ILE A 290 -12.99 6.06 -5.35
CA ILE A 290 -14.34 5.80 -4.80
C ILE A 290 -14.57 6.52 -3.46
N ARG A 291 -13.58 6.44 -2.58
CA ARG A 291 -13.65 7.04 -1.24
C ARG A 291 -13.83 8.54 -1.30
N ALA A 292 -13.34 9.17 -2.37
CA ALA A 292 -13.53 10.60 -2.56
C ALA A 292 -14.99 11.03 -2.78
N ASN A 293 -15.89 10.07 -2.87
CA ASN A 293 -17.34 10.34 -2.93
C ASN A 293 -18.03 10.52 -1.58
N LYS A 294 -17.28 10.38 -0.48
CA LYS A 294 -17.88 10.56 0.87
C LYS A 294 -18.72 11.83 0.98
N SER A 295 -18.24 12.93 0.40
CA SER A 295 -18.95 14.22 0.46
C SER A 295 -20.33 14.23 -0.18
N LEU A 296 -20.56 13.31 -1.12
CA LEU A 296 -21.85 13.21 -1.83
C LEU A 296 -22.99 12.53 -1.06
N ILE A 297 -22.65 11.75 -0.04
CA ILE A 297 -23.62 10.88 0.62
C ILE A 297 -24.41 11.66 1.67
N ALA B 2 0.49 -5.29 42.26
CA ALA B 2 1.91 -5.40 42.70
C ALA B 2 2.82 -4.44 41.91
N SER B 3 3.27 -3.39 42.59
CA SER B 3 4.14 -2.36 42.00
C SER B 3 5.28 -2.04 42.98
N SER B 4 6.44 -2.65 42.71
CA SER B 4 7.67 -2.49 43.50
C SER B 4 8.90 -2.64 42.57
N VAL B 5 10.04 -2.09 43.00
CA VAL B 5 11.27 -2.03 42.18
C VAL B 5 11.91 -3.41 41.90
N ASN B 6 11.76 -4.33 42.84
CA ASN B 6 12.27 -5.69 42.67
C ASN B 6 11.54 -6.46 41.55
N GLU B 7 10.35 -5.96 41.18
CA GLU B 7 9.56 -6.59 40.12
C GLU B 7 10.17 -6.38 38.73
N LEU B 8 11.02 -5.36 38.57
CA LEU B 8 11.78 -5.16 37.33
C LEU B 8 12.77 -6.29 37.13
N GLU B 9 12.98 -7.07 38.20
CA GLU B 9 13.96 -8.15 38.20
C GLU B 9 13.41 -9.43 37.61
N ASN B 10 12.09 -9.58 37.54
CA ASN B 10 11.45 -10.66 36.80
C ASN B 10 11.44 -10.28 35.30
N TRP B 11 12.44 -10.78 34.56
CA TRP B 11 12.65 -10.41 33.16
C TRP B 11 11.49 -10.77 32.21
N SER B 12 10.70 -11.77 32.60
CA SER B 12 9.58 -12.21 31.80
C SER B 12 8.31 -11.42 32.16
N LYS B 13 8.38 -10.57 33.20
CA LYS B 13 7.22 -9.77 33.65
C LYS B 13 7.58 -8.33 34.09
N TRP B 14 8.66 -7.77 33.53
CA TRP B 14 9.21 -6.49 34.00
C TRP B 14 8.33 -5.24 33.77
N MET B 15 7.38 -5.33 32.85
CA MET B 15 6.47 -4.22 32.59
C MET B 15 5.30 -4.19 33.58
N GLN B 16 5.07 -5.27 34.32
CA GLN B 16 3.98 -5.30 35.35
C GLN B 16 3.92 -4.08 36.30
N PRO B 17 5.03 -3.69 36.96
CA PRO B 17 4.89 -2.52 37.87
C PRO B 17 4.92 -1.12 37.23
N ILE B 18 5.08 -1.02 35.90
CA ILE B 18 5.07 0.29 35.23
C ILE B 18 3.63 0.79 35.02
N PRO B 19 3.31 2.03 35.47
CA PRO B 19 1.93 2.57 35.37
C PRO B 19 1.36 2.53 33.95
N ASP B 20 0.10 2.14 33.85
CA ASP B 20 -0.57 1.90 32.56
C ASP B 20 -0.66 3.11 31.66
N ASN B 21 -0.62 4.29 32.28
CA ASN B 21 -0.82 5.56 31.60
C ASN B 21 0.44 6.12 30.96
N ILE B 22 1.59 5.51 31.20
CA ILE B 22 2.79 6.01 30.55
C ILE B 22 2.92 5.51 29.07
N PRO B 23 3.23 6.43 28.16
CA PRO B 23 3.46 6.07 26.77
C PRO B 23 4.61 5.05 26.66
N LEU B 24 4.43 4.05 25.83
CA LEU B 24 5.52 3.14 25.46
C LEU B 24 6.80 3.88 25.09
N ALA B 25 6.66 4.98 24.34
CA ALA B 25 7.78 5.87 23.96
C ALA B 25 8.71 6.19 25.11
N ARG B 26 8.13 6.44 26.30
CA ARG B 26 8.92 6.88 27.46
C ARG B 26 9.67 5.72 28.12
N ILE B 27 9.08 4.51 28.08
CA ILE B 27 9.69 3.33 28.71
C ILE B 27 11.06 3.08 28.07
N SER B 28 12.05 2.66 28.86
CA SER B 28 13.29 2.11 28.29
C SER B 28 13.13 0.62 28.04
N ILE B 29 13.29 0.19 26.78
CA ILE B 29 12.88 -1.16 26.35
C ILE B 29 14.00 -1.85 25.57
N PRO B 30 14.42 -3.04 26.03
CA PRO B 30 15.42 -3.81 25.25
C PRO B 30 14.82 -4.38 23.96
N GLY B 31 15.61 -4.37 22.88
CA GLY B 31 15.15 -4.93 21.62
C GLY B 31 16.16 -5.90 21.06
N THR B 32 15.73 -6.83 20.22
CA THR B 32 16.72 -7.61 19.45
C THR B 32 16.79 -7.16 17.98
N HIS B 33 18.00 -6.94 17.46
CA HIS B 33 18.23 -6.62 16.04
C HIS B 33 18.24 -7.92 15.22
N ASP B 34 17.64 -7.90 14.02
CA ASP B 34 17.43 -9.09 13.17
C ASP B 34 17.05 -10.34 13.95
N SER B 35 15.97 -10.24 14.69
CA SER B 35 15.58 -11.23 15.70
C SER B 35 15.54 -12.68 15.25
N GLY B 36 15.19 -12.93 13.99
CA GLY B 36 14.96 -14.31 13.51
C GLY B 36 16.14 -15.05 12.90
N THR B 37 17.36 -14.54 13.10
CA THR B 37 18.55 -15.16 12.51
C THR B 37 19.20 -16.33 13.33
N PHE B 38 18.55 -16.75 14.43
CA PHE B 38 19.14 -17.73 15.40
C PHE B 38 19.27 -19.19 14.90
N LYS B 39 18.67 -19.50 13.74
CA LYS B 39 18.72 -20.88 13.23
C LYS B 39 19.89 -21.13 12.27
N LEU B 40 20.48 -20.04 11.74
CA LEU B 40 21.62 -20.10 10.82
C LEU B 40 22.79 -20.96 11.32
N GLN B 41 23.32 -21.79 10.41
CA GLN B 41 24.30 -22.84 10.78
C GLN B 41 25.66 -22.76 10.08
N ASN B 42 25.64 -22.56 8.77
CA ASN B 42 26.85 -22.47 7.94
C ASN B 42 27.69 -21.29 8.42
N PRO B 43 28.96 -21.53 8.83
CA PRO B 43 29.70 -20.49 9.53
C PRO B 43 29.95 -19.26 8.64
N ILE B 44 29.95 -19.47 7.34
CA ILE B 44 30.06 -18.40 6.34
C ILE B 44 28.79 -17.55 6.39
N LYS B 45 27.63 -18.20 6.40
CA LYS B 45 26.34 -17.53 6.61
C LYS B 45 26.27 -16.86 7.99
N GLN B 46 26.87 -17.48 9.00
CA GLN B 46 26.84 -16.91 10.35
C GLN B 46 27.62 -15.58 10.47
N VAL B 47 28.85 -15.54 9.95
CA VAL B 47 29.70 -14.35 10.10
C VAL B 47 29.13 -13.11 9.39
N TRP B 48 28.27 -13.33 8.39
CA TRP B 48 27.68 -12.24 7.61
C TRP B 48 26.29 -11.82 8.08
N GLY B 49 25.49 -12.75 8.59
CA GLY B 49 24.05 -12.47 8.82
C GLY B 49 23.42 -12.97 10.10
N MET B 50 24.20 -13.57 11.00
CA MET B 50 23.69 -14.02 12.28
C MET B 50 23.82 -12.90 13.32
N THR B 51 22.71 -12.63 14.01
CA THR B 51 22.70 -11.53 14.99
C THR B 51 22.20 -11.98 16.36
N GLN B 52 21.66 -13.20 16.42
CA GLN B 52 21.12 -13.79 17.64
C GLN B 52 21.45 -15.30 17.67
N GLU B 53 21.58 -15.87 18.86
CA GLU B 53 21.92 -17.31 18.95
C GLU B 53 20.82 -18.12 19.69
N TYR B 54 19.82 -17.41 20.21
CA TYR B 54 18.68 -18.03 20.87
C TYR B 54 17.35 -17.60 20.28
N ASP B 55 16.35 -18.47 20.40
CA ASP B 55 15.06 -18.29 19.75
C ASP B 55 14.22 -17.18 20.39
N PHE B 56 13.02 -16.98 19.84
CA PHE B 56 12.18 -15.82 20.21
C PHE B 56 11.78 -15.85 21.69
N ARG B 57 11.34 -17.02 22.15
CA ARG B 57 10.89 -17.19 23.55
C ARG B 57 12.01 -16.90 24.56
N TYR B 58 13.22 -17.36 24.29
CA TYR B 58 14.41 -17.02 25.11
C TYR B 58 14.61 -15.48 25.10
N GLN B 59 14.64 -14.88 23.92
CA GLN B 59 14.77 -13.41 23.85
C GLN B 59 13.72 -12.71 24.75
N MET B 60 12.47 -13.11 24.65
CA MET B 60 11.38 -12.57 25.49
C MET B 60 11.49 -12.83 27.00
N ASP B 61 11.84 -14.06 27.36
CA ASP B 61 12.10 -14.38 28.77
C ASP B 61 13.39 -13.73 29.29
N HIS B 62 14.21 -13.15 28.40
CA HIS B 62 15.35 -12.33 28.86
C HIS B 62 15.06 -10.84 28.84
N GLY B 63 13.80 -10.48 28.73
CA GLY B 63 13.41 -9.07 28.83
C GLY B 63 13.25 -8.28 27.54
N ALA B 64 13.57 -8.86 26.38
CA ALA B 64 13.33 -8.15 25.09
C ALA B 64 11.83 -8.03 24.79
N ARG B 65 11.39 -6.83 24.39
CA ARG B 65 9.98 -6.56 24.10
C ARG B 65 9.83 -5.92 22.71
N ILE B 66 10.98 -5.58 22.11
CA ILE B 66 11.02 -5.13 20.70
C ILE B 66 11.75 -6.13 19.80
N PHE B 67 11.09 -6.46 18.70
CA PHE B 67 11.53 -7.47 17.75
C PHE B 67 11.61 -6.89 16.35
N ASP B 68 12.78 -7.07 15.74
CA ASP B 68 13.13 -6.58 14.43
C ASP B 68 12.90 -7.68 13.41
N ILE B 69 11.72 -7.66 12.79
CA ILE B 69 11.28 -8.75 11.93
C ILE B 69 11.41 -8.37 10.45
N ASP B 70 12.28 -9.05 9.70
CA ASP B 70 12.43 -8.79 8.26
C ASP B 70 11.76 -9.86 7.45
N GLY B 71 10.83 -9.44 6.59
CA GLY B 71 10.02 -10.37 5.81
C GLY B 71 10.16 -10.35 4.29
N ARG B 72 9.90 -11.51 3.68
CA ARG B 72 9.72 -11.61 2.24
C ARG B 72 8.41 -12.31 1.94
N LEU B 73 7.67 -11.72 1.00
CA LEU B 73 6.38 -12.23 0.51
C LEU B 73 6.62 -13.37 -0.47
N THR B 74 5.97 -14.51 -0.21
CA THR B 74 5.99 -15.70 -1.06
C THR B 74 4.85 -15.70 -2.10
N ASP B 75 4.85 -16.72 -2.96
CA ASP B 75 3.80 -16.92 -3.97
C ASP B 75 2.52 -17.52 -3.34
N ASP B 76 2.62 -17.85 -2.05
CA ASP B 76 1.57 -18.52 -1.27
C ASP B 76 0.80 -17.63 -0.31
N ASN B 77 0.85 -16.32 -0.50
CA ASN B 77 0.18 -15.37 0.41
C ASN B 77 0.68 -15.51 1.86
N THR B 78 1.95 -15.85 1.97
CA THR B 78 2.64 -15.88 3.26
C THR B 78 3.89 -14.98 3.27
N ILE B 79 4.36 -14.74 4.49
CA ILE B 79 5.54 -13.95 4.72
C ILE B 79 6.51 -14.79 5.52
N VAL B 80 7.72 -14.90 5.01
CA VAL B 80 8.76 -15.66 5.70
C VAL B 80 9.92 -14.72 5.98
N LEU B 81 10.73 -15.06 6.99
CA LEU B 81 11.82 -14.17 7.41
C LEU B 81 13.08 -14.40 6.60
N HIS B 82 13.85 -13.33 6.39
CA HIS B 82 15.04 -13.27 5.54
C HIS B 82 16.07 -12.33 6.15
N HIS B 83 17.34 -12.54 5.84
CA HIS B 83 18.34 -11.52 6.10
C HIS B 83 19.12 -11.30 4.81
N GLY B 84 18.84 -10.18 4.16
CA GLY B 84 19.21 -9.97 2.75
C GLY B 84 18.68 -11.09 1.87
N PRO B 85 19.58 -11.74 1.10
CA PRO B 85 19.13 -12.88 0.28
C PRO B 85 18.92 -14.20 1.05
N LEU B 86 19.35 -14.25 2.32
CA LEU B 86 19.32 -15.49 3.10
C LEU B 86 17.96 -15.77 3.72
N TYR B 87 17.43 -16.95 3.41
CA TYR B 87 16.21 -17.45 4.04
C TYR B 87 16.59 -17.95 5.43
N LEU B 88 15.88 -17.43 6.43
CA LEU B 88 16.19 -17.75 7.80
C LEU B 88 15.40 -19.02 7.94
N TYR B 89 15.31 -19.70 9.05
CA TYR B 89 14.40 -20.85 8.75
C TYR B 89 13.08 -20.75 9.50
N VAL B 90 12.48 -19.54 9.37
CA VAL B 90 11.42 -19.06 10.25
C VAL B 90 10.41 -18.28 9.39
N THR B 91 9.14 -18.45 9.75
CA THR B 91 8.06 -17.74 9.09
C THR B 91 7.48 -16.70 10.02
N LEU B 92 6.73 -15.74 9.45
CA LEU B 92 6.11 -14.70 10.30
C LEU B 92 5.07 -15.31 11.27
N HIS B 93 4.26 -16.25 10.79
CA HIS B 93 3.31 -16.96 11.63
C HIS B 93 3.95 -17.60 12.89
N GLU B 94 5.13 -18.19 12.72
CA GLU B 94 5.89 -18.73 13.87
C GLU B 94 6.26 -17.67 14.90
N PHE B 95 6.75 -16.52 14.42
CA PHE B 95 7.00 -15.40 15.35
C PHE B 95 5.73 -15.01 16.14
N ILE B 96 4.63 -14.78 15.40
CA ILE B 96 3.37 -14.38 16.00
C ILE B 96 2.86 -15.42 17.02
N ASN B 97 2.96 -16.71 16.70
CA ASN B 97 2.57 -17.75 17.66
C ASN B 97 3.42 -17.72 18.92
N GLU B 98 4.72 -17.53 18.74
CA GLU B 98 5.63 -17.44 19.88
C GLU B 98 5.28 -16.25 20.79
N ALA B 99 5.07 -15.06 20.18
CA ALA B 99 4.61 -13.85 20.89
C ALA B 99 3.25 -14.03 21.60
N LYS B 100 2.31 -14.68 20.92
CA LYS B 100 1.01 -14.95 21.55
C LYS B 100 1.16 -15.84 22.78
N GLN B 101 2.02 -16.85 22.68
CA GLN B 101 2.24 -17.81 23.79
C GLN B 101 2.87 -17.14 25.00
N PHE B 102 3.82 -16.25 24.73
CA PHE B 102 4.45 -15.45 25.76
C PHE B 102 3.47 -14.49 26.44
N LEU B 103 2.64 -13.84 25.62
CA LEU B 103 1.68 -12.85 26.13
C LEU B 103 0.60 -13.54 26.95
N LYS B 104 0.26 -14.79 26.58
CA LYS B 104 -0.72 -15.57 27.37
C LYS B 104 -0.16 -15.94 28.74
N ASP B 105 1.12 -16.29 28.79
CA ASP B 105 1.82 -16.56 30.05
C ASP B 105 2.07 -15.32 30.90
N ASN B 106 2.34 -14.20 30.23
CA ASN B 106 2.68 -12.94 30.90
C ASN B 106 1.82 -11.78 30.37
N PRO B 107 0.52 -11.74 30.77
CA PRO B 107 -0.44 -10.78 30.20
C PRO B 107 -0.26 -9.32 30.61
N SER B 108 0.73 -9.06 31.47
CA SER B 108 1.14 -7.72 31.86
C SER B 108 2.04 -7.09 30.78
N GLU B 109 2.60 -7.94 29.91
CA GLU B 109 3.56 -7.49 28.91
C GLU B 109 2.94 -7.15 27.56
N THR B 110 3.72 -6.46 26.74
CA THR B 110 3.35 -6.22 25.35
C THR B 110 4.57 -6.56 24.51
N ILE B 111 4.32 -6.86 23.24
CA ILE B 111 5.39 -7.17 22.33
C ILE B 111 5.25 -6.15 21.21
N ILE B 112 6.32 -5.40 20.95
CA ILE B 112 6.39 -4.47 19.82
C ILE B 112 7.11 -5.17 18.66
N MET B 113 6.44 -5.27 17.52
CA MET B 113 6.98 -5.99 16.37
C MET B 113 7.21 -5.00 15.26
N SER B 114 8.48 -4.81 14.88
CA SER B 114 8.88 -4.03 13.71
C SER B 114 8.79 -4.97 12.51
N LEU B 115 8.16 -4.52 11.42
CA LEU B 115 7.99 -5.38 10.25
C LEU B 115 8.45 -4.62 9.01
N LYS B 116 9.44 -5.20 8.34
CA LYS B 116 10.08 -4.60 7.17
C LYS B 116 10.09 -5.61 6.00
N LYS B 117 9.86 -5.09 4.77
CA LYS B 117 10.11 -5.83 3.53
C LYS B 117 11.62 -5.93 3.26
N GLU B 118 12.16 -7.13 3.34
CA GLU B 118 13.60 -7.32 3.35
C GLU B 118 14.13 -7.71 1.95
N TYR B 119 13.27 -8.28 1.12
CA TYR B 119 13.70 -8.84 -0.16
C TYR B 119 12.51 -8.82 -1.12
N GLU B 120 12.77 -8.81 -2.42
CA GLU B 120 11.70 -8.57 -3.40
C GLU B 120 10.67 -9.69 -3.40
N ASP B 121 9.41 -9.36 -3.72
CA ASP B 121 8.31 -10.33 -3.68
C ASP B 121 8.60 -11.49 -4.62
N MET B 122 8.18 -12.71 -4.24
CA MET B 122 8.25 -13.84 -5.19
C MET B 122 7.39 -13.54 -6.41
N LYS B 123 7.83 -14.04 -7.57
CA LYS B 123 7.16 -13.75 -8.85
C LYS B 123 5.67 -14.08 -8.94
N GLY B 124 5.20 -15.13 -8.28
CA GLY B 124 3.76 -15.47 -8.38
C GLY B 124 2.79 -14.69 -7.49
N ALA B 125 3.30 -13.80 -6.64
CA ALA B 125 2.46 -13.16 -5.62
C ALA B 125 1.53 -12.12 -6.24
N GLU B 126 0.24 -12.27 -5.95
CA GLU B 126 -0.78 -11.42 -6.54
C GLU B 126 -1.03 -10.17 -5.72
N GLY B 127 -0.78 -10.28 -4.41
CA GLY B 127 -0.97 -9.15 -3.49
C GLY B 127 0.32 -8.39 -3.24
N SER B 128 0.22 -7.25 -2.58
CA SER B 128 1.41 -6.51 -2.15
C SER B 128 1.85 -7.06 -0.78
N PHE B 129 3.09 -6.79 -0.40
CA PHE B 129 3.58 -7.17 0.92
C PHE B 129 2.59 -6.67 1.98
N SER B 130 2.07 -5.46 1.80
CA SER B 130 1.24 -4.89 2.84
C SER B 130 -0.20 -5.40 2.87
N SER B 131 -0.86 -5.52 1.71
CA SER B 131 -2.19 -6.08 1.67
C SER B 131 -2.14 -7.54 2.17
N THR B 132 -1.08 -8.25 1.81
CA THR B 132 -0.93 -9.66 2.24
C THR B 132 -0.72 -9.78 3.76
N PHE B 133 0.23 -9.02 4.32
CA PHE B 133 0.35 -8.94 5.78
C PHE B 133 -0.99 -8.52 6.41
N GLU B 134 -1.59 -7.45 5.91
CA GLU B 134 -2.75 -6.87 6.59
C GLU B 134 -4.03 -7.75 6.50
N LYS B 135 -4.25 -8.41 5.37
CA LYS B 135 -5.40 -9.32 5.22
C LYS B 135 -5.25 -10.65 5.94
N ASN B 136 -4.03 -11.20 5.93
CA ASN B 136 -3.80 -12.59 6.39
C ASN B 136 -3.30 -12.73 7.84
N TYR B 137 -2.76 -11.65 8.41
CA TYR B 137 -2.09 -11.68 9.71
C TYR B 137 -2.62 -10.62 10.67
N PHE B 138 -2.54 -9.35 10.23
CA PHE B 138 -2.87 -8.16 11.03
C PHE B 138 -4.31 -8.14 11.56
N VAL B 139 -5.22 -8.72 10.79
CA VAL B 139 -6.65 -8.83 11.20
C VAL B 139 -6.88 -9.57 12.56
N ASP B 140 -5.93 -10.43 12.98
CA ASP B 140 -6.00 -11.11 14.29
C ASP B 140 -6.13 -10.05 15.40
N PRO B 141 -7.08 -10.25 16.34
CA PRO B 141 -7.26 -9.25 17.44
C PRO B 141 -6.11 -9.15 18.46
N ILE B 142 -5.08 -10.00 18.34
CA ILE B 142 -3.84 -9.82 19.10
C ILE B 142 -3.15 -8.49 18.72
N PHE B 143 -3.32 -8.03 17.47
CA PHE B 143 -2.70 -6.78 17.02
C PHE B 143 -3.56 -5.55 17.40
N LEU B 144 -3.06 -4.65 18.26
CA LEU B 144 -3.61 -3.37 18.58
C LEU B 144 -3.75 -2.48 17.34
N LYS B 145 -4.95 -1.94 17.13
CA LYS B 145 -5.28 -1.20 15.91
C LYS B 145 -5.50 0.30 16.14
N THR B 146 -5.24 0.77 17.36
CA THR B 146 -5.26 2.20 17.65
C THR B 146 -3.85 2.78 17.50
N GLU B 147 -3.76 4.11 17.57
CA GLU B 147 -2.53 4.80 17.28
C GLU B 147 -2.27 5.97 18.26
N GLY B 148 -1.89 7.14 17.76
CA GLY B 148 -1.48 8.22 18.68
C GLY B 148 -0.21 7.83 19.42
N ASN B 149 -0.04 8.38 20.62
CA ASN B 149 1.12 8.12 21.44
C ASN B 149 0.83 6.91 22.30
N ILE B 150 0.91 5.74 21.69
CA ILE B 150 0.43 4.48 22.31
C ILE B 150 0.88 4.29 23.76
N LYS B 151 -0.12 4.04 24.63
CA LYS B 151 0.12 3.86 26.07
C LYS B 151 0.31 2.38 26.46
N LEU B 152 1.09 2.12 27.51
CA LEU B 152 1.31 0.75 28.02
C LEU B 152 0.01 0.01 28.31
N GLY B 153 -0.94 0.70 28.93
CA GLY B 153 -2.24 0.13 29.27
C GLY B 153 -3.03 -0.44 28.12
N ASP B 154 -2.94 0.19 26.95
CA ASP B 154 -3.63 -0.25 25.72
C ASP B 154 -2.91 -1.41 25.05
N ALA B 155 -1.60 -1.46 25.26
CA ALA B 155 -0.69 -2.44 24.69
C ALA B 155 -0.64 -3.77 25.44
N ARG B 156 -0.90 -3.78 26.75
CA ARG B 156 -0.69 -5.02 27.52
C ARG B 156 -1.47 -6.16 26.89
N GLY B 157 -0.83 -7.31 26.79
CA GLY B 157 -1.48 -8.47 26.22
C GLY B 157 -1.62 -8.46 24.70
N LYS B 158 -1.04 -7.45 24.03
CA LYS B 158 -1.17 -7.34 22.56
C LYS B 158 0.19 -7.14 21.88
N ILE B 159 0.19 -7.28 20.56
CA ILE B 159 1.33 -6.96 19.74
C ILE B 159 1.10 -5.58 19.11
N VAL B 160 2.09 -4.71 19.24
CA VAL B 160 2.04 -3.34 18.71
C VAL B 160 2.96 -3.26 17.51
N LEU B 161 2.39 -2.96 16.36
CA LEU B 161 3.16 -2.91 15.13
C LEU B 161 4.01 -1.65 15.03
N LEU B 162 5.27 -1.82 14.64
CA LEU B 162 6.09 -0.72 14.20
C LEU B 162 6.24 -0.90 12.67
N LYS B 163 5.45 -0.18 11.88
CA LYS B 163 5.45 -0.43 10.44
C LYS B 163 6.69 0.11 9.77
N ARG B 164 7.39 -0.75 9.05
CA ARG B 164 8.52 -0.30 8.21
C ARG B 164 8.28 -0.68 6.75
N TYR B 165 7.01 -0.75 6.36
CA TYR B 165 6.62 -1.07 4.99
C TYR B 165 5.69 0.01 4.45
N SER B 166 5.82 0.29 3.16
CA SER B 166 4.95 1.30 2.53
C SER B 166 3.56 0.82 2.19
N GLY B 167 2.60 1.65 2.04
CA GLY B 167 1.28 1.27 1.57
C GLY B 167 0.32 0.63 2.55
N SER B 168 0.50 0.87 3.85
CA SER B 168 -0.44 0.34 4.82
C SER B 168 -1.82 0.95 4.55
N ASN B 169 -2.86 0.13 4.67
CA ASN B 169 -4.21 0.62 4.50
C ASN B 169 -5.10 0.30 5.70
N GLU B 170 -4.52 -0.20 6.79
CA GLU B 170 -5.28 -0.50 7.99
C GLU B 170 -4.60 0.22 9.16
N SER B 171 -5.37 1.01 9.89
CA SER B 171 -4.92 1.74 11.09
C SER B 171 -4.35 0.80 12.15
N GLY B 172 -3.32 1.24 12.87
CA GLY B 172 -2.82 0.50 14.02
C GLY B 172 -1.32 0.59 14.16
N GLY B 173 -0.88 0.75 15.40
CA GLY B 173 0.55 0.74 15.69
C GLY B 173 1.20 2.06 15.30
N TYR B 174 2.51 2.02 15.15
CA TYR B 174 3.27 3.17 14.69
C TYR B 174 3.41 3.20 13.16
N ASN B 175 2.90 4.27 12.55
CA ASN B 175 2.99 4.53 11.10
C ASN B 175 4.38 4.34 10.53
N ASN B 176 4.46 3.90 9.28
CA ASN B 176 5.68 3.98 8.52
C ASN B 176 6.14 5.45 8.43
N PHE B 177 7.44 5.67 8.63
CA PHE B 177 8.05 6.99 8.53
C PHE B 177 9.38 6.83 7.73
N TYR B 178 9.81 7.96 7.16
CA TYR B 178 10.87 8.08 6.13
C TYR B 178 12.01 7.02 6.06
N TRP B 179 12.89 7.12 7.07
CA TRP B 179 14.02 6.19 7.39
C TRP B 179 15.31 6.09 6.53
N PRO B 180 16.09 7.18 6.50
CA PRO B 180 17.28 7.16 5.65
C PRO B 180 18.31 6.15 6.11
N ASP B 181 19.00 5.58 5.13
CA ASP B 181 19.98 4.55 5.34
C ASP B 181 21.22 5.00 6.11
N ASN B 182 21.60 4.24 7.15
CA ASN B 182 22.88 4.43 7.82
C ASN B 182 23.10 5.80 8.50
N GLU B 183 22.07 6.31 9.19
CA GLU B 183 22.11 7.67 9.77
C GLU B 183 21.47 7.69 11.14
N THR B 184 21.68 8.81 11.82
CA THR B 184 20.85 9.21 12.95
C THR B 184 19.93 10.27 12.38
N PHE B 185 18.63 10.11 12.58
CA PHE B 185 17.67 11.05 12.02
C PHE B 185 16.52 11.30 12.98
N THR B 186 15.83 12.43 12.78
CA THR B 186 14.62 12.76 13.53
C THR B 186 13.45 13.08 12.56
N THR B 187 12.26 12.49 12.79
CA THR B 187 11.07 12.77 11.97
C THR B 187 9.80 12.67 12.81
N THR B 188 8.67 12.72 12.11
CA THR B 188 7.35 12.54 12.68
C THR B 188 6.83 11.11 12.47
N VAL B 189 6.10 10.57 13.44
CA VAL B 189 5.48 9.26 13.27
C VAL B 189 3.97 9.44 13.03
N ASN B 190 3.30 10.10 13.95
CA ASN B 190 1.89 10.47 13.73
C ASN B 190 1.63 11.85 14.29
N GLN B 191 0.37 12.28 14.34
CA GLN B 191 0.07 13.63 14.85
C GLN B 191 0.64 13.85 16.25
N ASN B 192 0.70 12.79 17.04
CA ASN B 192 1.08 12.93 18.44
C ASN B 192 2.51 12.50 18.80
N VAL B 193 3.29 12.02 17.82
CA VAL B 193 4.58 11.36 18.11
C VAL B 193 5.69 11.77 17.13
N ASN B 194 6.86 12.14 17.64
CA ASN B 194 8.04 12.09 16.77
C ASN B 194 9.05 11.07 17.22
N VAL B 195 10.14 10.95 16.47
CA VAL B 195 11.06 9.84 16.67
C VAL B 195 12.45 10.27 16.27
N THR B 196 13.43 9.89 17.08
CA THR B 196 14.84 9.97 16.70
C THR B 196 15.36 8.55 16.68
N VAL B 197 16.05 8.17 15.61
CA VAL B 197 16.59 6.81 15.46
C VAL B 197 18.10 6.93 15.20
N GLN B 198 18.90 6.18 15.95
CA GLN B 198 20.31 6.06 15.61
C GLN B 198 20.46 4.68 14.97
N ASP B 199 20.69 4.68 13.65
CA ASP B 199 20.85 3.41 12.93
C ASP B 199 22.05 3.44 11.96
N LYS B 200 23.23 3.76 12.49
CA LYS B 200 24.48 3.76 11.72
C LYS B 200 25.14 2.37 11.74
N TYR B 201 24.64 1.48 10.90
CA TYR B 201 25.22 0.17 10.70
C TYR B 201 26.31 0.47 9.67
N LYS B 202 27.44 -0.22 9.64
CA LYS B 202 28.42 0.20 8.62
C LYS B 202 29.04 1.61 8.87
N VAL B 203 29.51 1.84 10.10
CA VAL B 203 30.51 2.89 10.36
C VAL B 203 31.59 2.14 11.13
N ASN B 204 32.71 2.77 11.41
CA ASN B 204 33.75 2.04 12.14
C ASN B 204 33.40 2.01 13.62
N TYR B 205 34.07 1.14 14.36
CA TYR B 205 33.76 0.86 15.75
C TYR B 205 33.65 2.12 16.59
N ASP B 206 34.59 3.02 16.43
CA ASP B 206 34.67 4.21 17.26
C ASP B 206 33.52 5.20 17.02
N GLU B 207 33.19 5.43 15.74
CA GLU B 207 32.02 6.23 15.35
C GLU B 207 30.73 5.58 15.90
N LYS B 208 30.62 4.24 15.88
CA LYS B 208 29.41 3.53 16.36
C LYS B 208 29.19 3.80 17.82
N VAL B 209 30.23 3.59 18.63
CA VAL B 209 30.15 3.75 20.09
C VAL B 209 29.80 5.21 20.45
N LYS B 210 30.43 6.16 19.75
CA LYS B 210 30.12 7.59 20.00
C LYS B 210 28.66 7.91 19.64
N SER B 211 28.18 7.35 18.52
CA SER B 211 26.79 7.56 18.07
C SER B 211 25.76 6.99 19.05
N ILE B 212 26.01 5.76 19.54
CA ILE B 212 25.17 5.16 20.58
C ILE B 212 25.11 6.10 21.78
N LYS B 213 26.26 6.52 22.26
CA LYS B 213 26.31 7.37 23.46
C LYS B 213 25.70 8.73 23.23
N ASP B 214 26.00 9.35 22.09
CA ASP B 214 25.40 10.64 21.73
C ASP B 214 23.87 10.62 21.79
N THR B 215 23.28 9.65 21.12
CA THR B 215 21.82 9.51 21.11
C THR B 215 21.28 9.14 22.50
N MET B 216 22.02 8.33 23.26
CA MET B 216 21.62 8.03 24.65
C MET B 216 21.67 9.28 25.51
N ASP B 217 22.68 10.14 25.32
CA ASP B 217 22.74 11.43 26.04
C ASP B 217 21.54 12.31 25.74
N GLU B 218 21.13 12.36 24.47
CA GLU B 218 19.93 13.11 24.10
C GLU B 218 18.70 12.58 24.81
N THR B 219 18.56 11.28 24.91
CA THR B 219 17.36 10.76 25.55
C THR B 219 17.35 10.94 27.07
N MET B 220 18.51 10.81 27.74
CA MET B 220 18.61 11.12 29.18
C MET B 220 18.28 12.57 29.46
N ASN B 221 18.81 13.48 28.63
CA ASN B 221 18.62 14.91 28.85
C ASN B 221 17.20 15.32 28.51
N ASN B 222 16.49 14.43 27.81
CA ASN B 222 15.13 14.69 27.40
C ASN B 222 14.15 13.67 28.04
N SER B 223 14.38 13.34 29.30
CA SER B 223 13.65 12.24 29.97
C SER B 223 12.16 12.50 30.18
N GLU B 224 11.75 13.76 30.17
CA GLU B 224 10.31 14.03 30.35
C GLU B 224 9.54 14.31 29.05
N ASP B 225 10.20 14.11 27.92
CA ASP B 225 9.58 14.27 26.61
C ASP B 225 8.85 12.95 26.32
N LEU B 226 7.57 12.92 26.63
CA LEU B 226 6.79 11.69 26.66
C LEU B 226 6.27 11.24 25.29
N ASN B 227 6.28 12.11 24.30
CA ASN B 227 5.80 11.73 22.97
C ASN B 227 6.93 11.69 21.92
N HIS B 228 8.13 11.39 22.38
CA HIS B 228 9.28 11.35 21.52
C HIS B 228 9.94 10.00 21.72
N LEU B 229 9.87 9.17 20.69
CA LEU B 229 10.50 7.87 20.64
C LEU B 229 12.01 8.02 20.37
N TYR B 230 12.85 7.30 21.14
CA TYR B 230 14.28 7.25 20.84
C TYR B 230 14.62 5.79 20.60
N ILE B 231 15.07 5.47 19.38
CA ILE B 231 15.43 4.09 19.00
C ILE B 231 16.94 4.06 18.69
N ASN B 232 17.65 3.20 19.41
CA ASN B 232 19.09 3.24 19.39
C ASN B 232 19.57 1.85 19.10
N PHE B 233 20.12 1.64 17.91
CA PHE B 233 20.62 0.33 17.52
C PHE B 233 22.08 0.22 17.93
N THR B 234 22.40 -0.75 18.78
CA THR B 234 23.79 -0.97 19.19
C THR B 234 24.53 -1.93 18.22
N SER B 235 23.75 -2.54 17.32
CA SER B 235 24.22 -3.51 16.35
C SER B 235 25.03 -2.84 15.25
N LEU B 236 26.07 -3.53 14.79
CA LEU B 236 26.93 -3.13 13.67
C LEU B 236 27.06 -4.29 12.64
N SER B 237 26.93 -3.96 11.36
CA SER B 237 26.98 -4.98 10.31
C SER B 237 28.40 -5.58 10.12
N SER B 238 28.43 -6.74 9.48
CA SER B 238 29.63 -7.57 9.36
C SER B 238 30.71 -7.03 8.43
N GLY B 239 31.96 -7.21 8.82
CA GLY B 239 33.08 -7.02 7.90
C GLY B 239 33.38 -8.30 7.14
N GLY B 240 32.59 -9.34 7.40
CA GLY B 240 32.74 -10.62 6.74
C GLY B 240 33.84 -11.48 7.34
N THR B 241 34.30 -12.44 6.56
CA THR B 241 35.48 -13.23 6.88
C THR B 241 36.47 -12.42 7.76
N ALA B 242 36.28 -12.49 9.08
CA ALA B 242 37.25 -11.87 10.01
C ALA B 242 36.86 -11.79 11.51
N TRP B 243 37.51 -10.80 12.14
CA TRP B 243 37.36 -10.37 13.51
C TRP B 243 36.50 -9.11 13.50
N ASN B 244 35.40 -9.15 12.74
CA ASN B 244 34.53 -7.99 12.56
C ASN B 244 33.11 -8.42 12.21
N SER B 245 32.71 -9.53 12.81
CA SER B 245 31.37 -10.05 12.68
C SER B 245 30.48 -9.31 13.68
N PRO B 246 29.14 -9.33 13.47
CA PRO B 246 28.20 -8.77 14.46
C PRO B 246 28.44 -9.37 15.85
N TYR B 247 28.75 -10.67 15.89
CA TYR B 247 29.17 -11.35 17.14
C TYR B 247 30.37 -10.69 17.84
N TYR B 248 31.44 -10.42 17.11
CA TYR B 248 32.66 -9.84 17.66
C TYR B 248 32.42 -8.41 18.16
N TYR B 249 31.72 -7.62 17.37
CA TYR B 249 31.33 -6.26 17.79
C TYR B 249 30.48 -6.20 19.05
N ALA B 250 29.44 -7.04 19.11
CA ALA B 250 28.53 -7.13 20.25
C ALA B 250 29.23 -7.57 21.54
N SER B 251 30.24 -8.41 21.40
CA SER B 251 30.99 -8.90 22.57
C SER B 251 31.73 -7.75 23.27
N TYR B 252 31.99 -6.67 22.55
CA TYR B 252 32.56 -5.46 23.16
C TYR B 252 31.51 -4.39 23.41
N ILE B 253 30.63 -4.17 22.43
CA ILE B 253 29.64 -3.08 22.52
C ILE B 253 28.63 -3.33 23.64
N ASN B 254 28.09 -4.52 23.73
CA ASN B 254 27.09 -4.81 24.75
C ASN B 254 27.52 -4.49 26.19
N PRO B 255 28.64 -5.08 26.66
CA PRO B 255 29.03 -4.78 28.05
C PRO B 255 29.54 -3.35 28.26
N GLU B 256 30.15 -2.75 27.24
CA GLU B 256 30.55 -1.33 27.34
C GLU B 256 29.38 -0.35 27.56
N ILE B 257 28.35 -0.47 26.74
CA ILE B 257 27.18 0.40 26.87
C ILE B 257 26.47 0.05 28.18
N ALA B 258 26.37 -1.23 28.50
CA ALA B 258 25.74 -1.64 29.76
C ALA B 258 26.45 -1.07 30.99
N ASN B 259 27.80 -1.05 31.01
CA ASN B 259 28.54 -0.47 32.15
C ASN B 259 28.30 1.04 32.27
N ASP B 260 28.29 1.73 31.12
CA ASP B 260 27.98 3.16 31.06
C ASP B 260 26.65 3.44 31.71
N ILE B 261 25.64 2.65 31.36
CA ILE B 261 24.31 2.82 31.93
C ILE B 261 24.33 2.50 33.44
N LYS B 262 24.97 1.39 33.78
CA LYS B 262 25.09 0.94 35.17
C LYS B 262 25.67 2.03 36.06
N GLN B 263 26.69 2.72 35.54
CA GLN B 263 27.44 3.71 36.30
C GLN B 263 26.74 5.05 36.35
N LYS B 264 26.01 5.38 35.29
CA LYS B 264 25.38 6.70 35.17
C LYS B 264 24.06 6.71 35.92
N ASN B 265 23.46 5.52 36.04
CA ASN B 265 22.14 5.33 36.64
C ASN B 265 21.08 6.32 36.09
N PRO B 266 20.96 6.43 34.75
CA PRO B 266 20.02 7.38 34.12
C PRO B 266 18.53 7.06 34.37
N THR B 267 17.67 8.05 34.12
CA THR B 267 16.22 7.82 34.26
C THR B 267 15.54 7.36 32.96
N ARG B 268 16.29 7.39 31.85
CA ARG B 268 15.75 7.04 30.52
C ARG B 268 16.89 6.79 29.55
N VAL B 269 16.76 5.73 28.74
CA VAL B 269 17.85 5.24 27.92
C VAL B 269 17.33 4.93 26.48
N GLY B 270 16.00 4.85 26.34
CA GLY B 270 15.37 4.66 25.04
C GLY B 270 15.05 3.20 24.75
N TRP B 271 14.76 2.93 23.49
CA TRP B 271 14.54 1.59 22.95
C TRP B 271 15.87 1.16 22.37
N VAL B 272 16.49 0.21 23.04
CA VAL B 272 17.88 -0.12 22.77
C VAL B 272 17.92 -1.49 22.11
N ILE B 273 18.27 -1.55 20.84
CA ILE B 273 18.04 -2.74 20.02
C ILE B 273 19.43 -3.34 19.82
N GLN B 274 19.63 -4.58 20.30
CA GLN B 274 20.96 -5.13 20.40
C GLN B 274 21.11 -6.46 19.68
N ASP B 275 22.33 -6.78 19.29
CA ASP B 275 22.63 -8.13 18.81
C ASP B 275 22.93 -9.03 20.00
N TYR B 276 22.83 -10.33 19.76
CA TYR B 276 23.22 -11.39 20.69
C TYR B 276 22.83 -11.22 22.16
N ILE B 277 21.52 -11.23 22.41
CA ILE B 277 21.00 -11.35 23.75
C ILE B 277 21.40 -12.76 24.26
N ASN B 278 22.17 -12.78 25.34
CA ASN B 278 22.70 -14.02 25.93
C ASN B 278 23.12 -13.65 27.36
N GLU B 279 23.52 -14.64 28.17
CA GLU B 279 23.93 -14.35 29.53
C GLU B 279 25.49 -14.39 29.57
N LYS B 280 26.14 -14.16 28.43
CA LYS B 280 27.60 -14.37 28.27
C LYS B 280 28.50 -13.24 28.71
N TRP B 281 28.27 -12.04 28.19
CA TRP B 281 29.13 -10.93 28.51
C TRP B 281 28.50 -10.12 29.61
N SER B 282 29.30 -9.79 30.61
CA SER B 282 28.74 -9.61 31.96
C SER B 282 27.88 -8.43 32.21
N PRO B 283 28.44 -7.20 32.26
CA PRO B 283 27.38 -6.27 32.62
C PRO B 283 26.34 -6.45 31.49
N LEU B 284 25.13 -6.85 31.82
CA LEU B 284 24.16 -7.24 30.80
C LEU B 284 23.35 -6.02 30.34
N LEU B 285 23.39 -5.74 29.03
CA LEU B 285 22.77 -4.53 28.47
C LEU B 285 21.25 -4.45 28.68
N TYR B 286 20.52 -5.49 28.29
CA TYR B 286 19.06 -5.52 28.42
C TYR B 286 18.63 -5.35 29.89
N GLN B 287 19.36 -6.00 30.83
CA GLN B 287 19.13 -5.79 32.27
C GLN B 287 19.31 -4.34 32.70
N GLU B 288 20.39 -3.70 32.26
CA GLU B 288 20.63 -2.29 32.63
C GLU B 288 19.59 -1.37 32.02
N VAL B 289 19.14 -1.72 30.83
CA VAL B 289 18.08 -0.97 30.17
C VAL B 289 16.74 -1.05 30.93
N ILE B 290 16.32 -2.28 31.26
CA ILE B 290 15.12 -2.47 32.12
C ILE B 290 15.20 -1.71 33.47
N ARG B 291 16.37 -1.74 34.11
CA ARG B 291 16.61 -1.07 35.39
C ARG B 291 16.49 0.45 35.33
N ALA B 292 16.71 1.06 34.15
CA ALA B 292 16.49 2.51 33.95
C ALA B 292 15.04 2.94 34.07
N ASN B 293 14.13 1.97 34.21
CA ASN B 293 12.70 2.23 34.51
C ASN B 293 12.30 2.37 35.99
N LYS B 294 13.29 2.29 36.88
CA LYS B 294 12.94 2.30 38.30
C LYS B 294 12.30 3.62 38.72
N SER B 295 12.63 4.71 38.05
CA SER B 295 12.00 6.01 38.33
C SER B 295 10.54 6.14 37.85
N LEU B 296 10.02 5.14 37.11
CA LEU B 296 8.62 5.16 36.65
C LEU B 296 7.69 4.41 37.60
N ILE B 297 8.26 3.57 38.45
CA ILE B 297 7.45 2.73 39.34
C ILE B 297 6.95 3.58 40.49
CA CA C . -16.68 24.04 -15.57
CA CA D . -7.14 2.23 -26.70
CA CA E . 17.43 -6.53 9.13
CA CA F . 7.54 16.05 22.77
#